data_6V0T
#
_entry.id   6V0T
#
_cell.length_a   75.339
_cell.length_b   75.339
_cell.length_c   173.255
_cell.angle_alpha   90.000
_cell.angle_beta   90.000
_cell.angle_gamma   120.000
#
_symmetry.space_group_name_H-M   'P 32 2 1'
#
loop_
_entity.id
_entity.type
_entity.pdbx_description
1 polymer '[Pyruvate dehydrogenase [acetyl-transferring]]-phosphatase 1, mitochondrial'
2 non-polymer 'MANGANESE (II) ION'
3 non-polymer 'SULFATE ION'
4 water water
#
_entity_poly.entity_id   1
_entity_poly.type   'polypeptide(L)'
_entity_poly.pdbx_seq_one_letter_code
;ASTPQKFYLTPPQVNSILKANEYSFKVPEFDGKNVSSVLGFDSNQLPANAPIEDRRSAATCLQTRGMLLGVFDGHAGCAC
SQAVSERLFYYIAVSLLPHETLLEIENAVESGRALLPILQWHKHPNDYFSKEASKLYFNSLRTYWQELIDLNTGESTDID
VKEALINAFKRLDNDISLEAQVGDPNSFLNYLVLRVAFSGATACVAHVDGVDLHVANTGDSRAMLGVQEEDGSWSAVTLS
NDHNAQNEREVERLKLEHPKNEAKSVVKQDRLLGLLMPFRAFGDVKFKWSIDLQKRVIESGPDQLNDNEYTKFIPPNYYT
PPYLTAEPEVTYHRLRPQDKFLVLATDGLWETMHRQDVVRIVGEYLTGMHHQQPIAVGGYKVTLGQMHGLLTERRAKMSS
VFEDQNAATHLIRHAVGNNEFGAVDHERLSKMLSLPEELARMYRDDITIIVVQFNSHVVGAYQNQEQ
;
_entity_poly.pdbx_strand_id   A
#
loop_
_chem_comp.id
_chem_comp.type
_chem_comp.name
_chem_comp.formula
MN non-polymer 'MANGANESE (II) ION' 'Mn 2'
SO4 non-polymer 'SULFATE ION' 'O4 S -2'
#
# COMPACT_ATOMS: atom_id res chain seq x y z
N THR A 10 -1.60 27.78 17.02
CA THR A 10 -2.91 28.41 16.86
C THR A 10 -3.91 27.43 16.26
N PRO A 11 -5.19 27.60 16.57
CA PRO A 11 -6.23 26.73 15.98
C PRO A 11 -6.20 26.77 14.46
N PRO A 12 -6.16 27.96 13.85
CA PRO A 12 -6.09 27.98 12.37
C PRO A 12 -4.79 27.40 11.84
N GLN A 13 -3.69 27.50 12.59
CA GLN A 13 -2.47 26.81 12.21
C GLN A 13 -2.65 25.29 12.29
N VAL A 14 -3.40 24.83 13.31
CA VAL A 14 -3.75 23.42 13.40
C VAL A 14 -4.50 22.97 12.17
N ASN A 15 -5.47 23.77 11.73
CA ASN A 15 -6.25 23.46 10.54
C ASN A 15 -5.36 23.48 9.30
N SER A 16 -4.44 24.45 9.21
CA SER A 16 -3.56 24.54 8.05
C SER A 16 -2.65 23.32 7.95
N ILE A 17 -2.11 22.86 9.08
CA ILE A 17 -1.19 21.73 9.06
C ILE A 17 -1.95 20.43 8.82
N LEU A 18 -3.12 20.29 9.44
CA LEU A 18 -3.87 19.04 9.29
C LEU A 18 -4.41 18.87 7.88
N LYS A 19 -4.78 19.96 7.21
CA LYS A 19 -5.41 19.89 5.90
C LYS A 19 -4.41 20.04 4.76
N ALA A 20 -3.11 20.06 5.05
CA ALA A 20 -2.11 20.27 4.01
C ALA A 20 -2.16 19.15 2.96
N ASN A 21 -2.25 17.90 3.41
CA ASN A 21 -2.29 16.75 2.53
C ASN A 21 -3.69 16.19 2.34
N GLU A 22 -4.70 16.87 2.90
CA GLU A 22 -6.08 16.43 2.76
C GLU A 22 -6.46 16.30 1.29
N TYR A 23 -7.06 15.16 0.94
CA TYR A 23 -7.45 14.88 -0.43
C TYR A 23 -8.76 14.13 -0.45
N SER A 24 -9.57 14.38 -1.49
CA SER A 24 -10.86 13.73 -1.64
C SER A 24 -11.14 13.53 -3.12
N PHE A 25 -11.72 12.38 -3.45
CA PHE A 25 -12.14 12.07 -4.81
C PHE A 25 -13.58 11.58 -4.78
N LYS A 26 -14.35 11.96 -5.79
CA LYS A 26 -15.75 11.57 -5.91
C LYS A 26 -15.95 10.94 -7.28
N VAL A 27 -16.46 9.71 -7.30
CA VAL A 27 -16.71 9.00 -8.55
C VAL A 27 -17.78 9.77 -9.33
N PRO A 28 -17.50 10.23 -10.55
CA PRO A 28 -18.46 11.10 -11.23
C PRO A 28 -19.76 10.38 -11.54
N GLU A 29 -20.85 11.14 -11.50
CA GLU A 29 -22.15 10.61 -11.86
C GLU A 29 -22.23 10.36 -13.37
N PHE A 30 -22.97 9.32 -13.74
CA PHE A 30 -23.31 9.04 -15.13
C PHE A 30 -24.79 9.32 -15.34
N ASP A 31 -25.09 10.13 -16.35
CA ASP A 31 -26.48 10.48 -16.67
C ASP A 31 -27.20 11.04 -15.45
N GLY A 32 -26.48 11.80 -14.63
CA GLY A 32 -27.05 12.41 -13.46
C GLY A 32 -27.32 11.47 -12.31
N LYS A 33 -26.78 10.27 -12.33
CA LYS A 33 -27.02 9.34 -11.25
C LYS A 33 -25.74 8.71 -10.78
N ASN A 34 -25.74 8.31 -9.51
CA ASN A 34 -24.63 7.60 -8.89
C ASN A 34 -24.73 6.14 -9.30
N VAL A 35 -23.78 5.69 -10.12
CA VAL A 35 -23.86 4.36 -10.74
C VAL A 35 -22.78 3.42 -10.27
N SER A 36 -21.78 3.90 -9.52
CA SER A 36 -20.67 3.06 -9.09
C SER A 36 -20.92 2.53 -7.68
N SER A 37 -20.36 1.35 -7.40
CA SER A 37 -20.39 0.82 -6.05
C SER A 37 -19.58 1.67 -5.07
N VAL A 38 -18.72 2.54 -5.58
CA VAL A 38 -17.92 3.45 -4.77
C VAL A 38 -18.44 4.87 -5.01
N LEU A 39 -18.82 5.55 -3.94
CA LEU A 39 -19.20 6.95 -4.05
C LEU A 39 -17.96 7.83 -4.17
N GLY A 40 -16.99 7.61 -3.28
CA GLY A 40 -15.76 8.37 -3.31
C GLY A 40 -14.83 7.89 -2.22
N PHE A 41 -13.74 8.63 -2.02
CA PHE A 41 -12.83 8.32 -0.93
C PHE A 41 -12.13 9.58 -0.45
N ASP A 42 -11.73 9.54 0.82
CA ASP A 42 -10.94 10.57 1.45
C ASP A 42 -9.59 9.98 1.86
N SER A 43 -8.54 10.79 1.75
CA SER A 43 -7.20 10.34 2.14
C SER A 43 -6.43 11.52 2.72
N ASN A 44 -5.52 11.21 3.64
CA ASN A 44 -4.69 12.24 4.25
C ASN A 44 -3.46 11.59 4.85
N GLN A 45 -2.43 12.41 5.06
CA GLN A 45 -1.16 11.96 5.63
C GLN A 45 -0.69 12.98 6.65
N LEU A 46 -0.11 12.48 7.74
CA LEU A 46 0.57 13.32 8.71
C LEU A 46 1.95 12.71 8.96
N PRO A 47 3.04 13.43 8.66
CA PRO A 47 4.37 12.84 8.82
C PRO A 47 4.84 12.84 10.27
N ALA A 48 5.67 11.86 10.59
CA ALA A 48 6.47 11.84 11.79
C ALA A 48 7.96 11.96 11.49
N ASN A 49 8.42 11.37 10.39
CA ASN A 49 9.76 11.55 9.90
C ASN A 49 9.81 12.72 8.93
N ALA A 50 10.92 13.46 8.95
CA ALA A 50 11.05 14.67 8.16
C ALA A 50 10.68 14.39 6.71
N PRO A 51 11.43 13.54 5.99
CA PRO A 51 10.89 12.98 4.73
C PRO A 51 9.99 11.80 5.03
N ILE A 52 8.67 12.03 4.90
CA ILE A 52 7.71 10.99 5.26
C ILE A 52 8.01 9.73 4.48
N GLU A 53 7.93 8.58 5.17
CA GLU A 53 8.20 7.29 4.56
C GLU A 53 6.93 6.52 4.21
N ASP A 54 5.77 7.02 4.59
CA ASP A 54 4.50 6.47 4.13
C ASP A 54 4.19 6.98 2.72
N ARG A 55 3.34 6.22 2.03
CA ARG A 55 2.84 6.62 0.72
C ARG A 55 1.40 6.15 0.56
N ARG A 56 0.65 6.88 -0.25
CA ARG A 56 -0.73 6.56 -0.59
C ARG A 56 -0.90 6.64 -2.10
N SER A 57 -1.79 5.80 -2.62
CA SER A 57 -2.02 5.77 -4.06
C SER A 57 -3.47 5.40 -4.33
N ALA A 58 -3.99 5.91 -5.45
CA ALA A 58 -5.36 5.63 -5.85
C ALA A 58 -5.49 5.87 -7.34
N ALA A 59 -6.06 4.91 -8.05
CA ALA A 59 -6.24 5.02 -9.49
C ALA A 59 -7.43 4.18 -9.91
N THR A 60 -7.91 4.44 -11.12
CA THR A 60 -8.97 3.67 -11.74
C THR A 60 -8.44 3.03 -13.01
N CYS A 61 -8.67 1.72 -13.15
CA CYS A 61 -8.30 1.04 -14.38
C CYS A 61 -9.18 1.50 -15.52
N LEU A 62 -8.58 1.68 -16.69
CA LEU A 62 -9.28 2.16 -17.88
C LEU A 62 -9.53 1.09 -18.92
N GLN A 63 -8.66 0.08 -19.00
CA GLN A 63 -8.90 -1.08 -19.86
C GLN A 63 -9.71 -2.16 -19.14
N THR A 64 -9.63 -2.20 -17.82
CA THR A 64 -10.56 -2.91 -16.95
C THR A 64 -11.27 -1.87 -16.08
N ARG A 65 -12.28 -2.33 -15.34
CA ARG A 65 -13.23 -1.47 -14.63
C ARG A 65 -12.83 -1.14 -13.20
N GLY A 66 -12.07 -2.02 -12.56
CA GLY A 66 -11.86 -1.90 -11.13
C GLY A 66 -11.13 -0.62 -10.76
N MET A 67 -11.23 -0.29 -9.46
CA MET A 67 -10.47 0.81 -8.87
C MET A 67 -9.48 0.24 -7.86
N LEU A 68 -8.27 0.80 -7.87
CA LEU A 68 -7.19 0.38 -6.98
C LEU A 68 -6.89 1.49 -6.00
N LEU A 69 -6.77 1.14 -4.72
CA LEU A 69 -6.32 2.07 -3.70
C LEU A 69 -5.29 1.35 -2.83
N GLY A 70 -4.35 2.10 -2.27
CA GLY A 70 -3.26 1.45 -1.56
C GLY A 70 -2.52 2.36 -0.60
N VAL A 71 -2.08 1.76 0.50
CA VAL A 71 -1.17 2.43 1.43
C VAL A 71 0.11 1.61 1.53
N PHE A 72 1.23 2.30 1.73
CA PHE A 72 2.54 1.68 1.72
C PHE A 72 3.36 2.28 2.84
N ASP A 73 3.83 1.44 3.76
CA ASP A 73 4.61 1.88 4.91
C ASP A 73 6.08 1.59 4.63
N GLY A 74 6.84 2.64 4.28
CA GLY A 74 8.24 2.47 4.00
C GLY A 74 9.10 2.53 5.25
N HIS A 75 10.28 1.92 5.15
CA HIS A 75 11.29 2.01 6.20
C HIS A 75 12.66 2.03 5.55
N ALA A 76 13.66 2.45 6.33
CA ALA A 76 15.01 2.63 5.82
C ALA A 76 15.02 3.61 4.65
N GLY A 77 14.16 4.63 4.74
CA GLY A 77 14.00 5.61 3.68
C GLY A 77 12.62 5.49 3.03
N CYS A 78 12.40 6.37 2.05
CA CYS A 78 11.16 6.42 1.32
C CYS A 78 11.27 5.90 -0.11
N ALA A 79 12.47 5.54 -0.56
CA ALA A 79 12.67 5.17 -1.96
C ALA A 79 11.76 4.02 -2.36
N CYS A 80 11.74 2.95 -1.55
CA CYS A 80 10.97 1.78 -1.93
C CYS A 80 9.47 2.03 -1.81
N SER A 81 9.04 2.73 -0.76
CA SER A 81 7.62 3.04 -0.64
C SER A 81 7.15 3.88 -1.82
N GLN A 82 7.93 4.88 -2.22
CA GLN A 82 7.57 5.68 -3.39
C GLN A 82 7.50 4.83 -4.65
N ALA A 83 8.54 4.01 -4.88
CA ALA A 83 8.58 3.18 -6.08
C ALA A 83 7.36 2.28 -6.16
N VAL A 84 7.08 1.55 -5.07
CA VAL A 84 5.91 0.67 -5.06
C VAL A 84 4.64 1.49 -5.27
N SER A 85 4.54 2.64 -4.57
CA SER A 85 3.40 3.54 -4.72
C SER A 85 3.08 3.81 -6.18
N GLU A 86 4.11 4.03 -6.99
CA GLU A 86 3.85 4.43 -8.38
C GLU A 86 3.90 3.27 -9.38
N ARG A 87 4.41 2.10 -9.01
CA ARG A 87 4.56 1.01 -9.96
C ARG A 87 3.61 -0.17 -9.75
N LEU A 88 3.21 -0.45 -8.50
CA LEU A 88 2.48 -1.68 -8.24
C LEU A 88 1.13 -1.67 -8.94
N PHE A 89 0.46 -0.51 -8.99
CA PHE A 89 -0.84 -0.44 -9.65
C PHE A 89 -0.72 -0.75 -11.13
N TYR A 90 0.36 -0.27 -11.76
CA TYR A 90 0.57 -0.58 -13.17
C TYR A 90 0.78 -2.08 -13.37
N TYR A 91 1.57 -2.69 -12.49
CA TYR A 91 1.78 -4.13 -12.61
C TYR A 91 0.47 -4.89 -12.44
N ILE A 92 -0.36 -4.47 -11.48
CA ILE A 92 -1.65 -5.12 -11.28
C ILE A 92 -2.53 -4.96 -12.51
N ALA A 93 -2.69 -3.72 -12.98
CA ALA A 93 -3.50 -3.47 -14.16
C ALA A 93 -3.07 -4.35 -15.32
N VAL A 94 -1.77 -4.36 -15.62
CA VAL A 94 -1.28 -5.17 -16.72
C VAL A 94 -1.62 -6.65 -16.48
N SER A 95 -1.50 -7.10 -15.23
CA SER A 95 -1.84 -8.49 -14.93
C SER A 95 -3.32 -8.79 -15.11
N LEU A 96 -4.18 -7.77 -15.07
CA LEU A 96 -5.61 -7.98 -15.22
C LEU A 96 -6.08 -7.93 -16.67
N LEU A 97 -5.19 -7.67 -17.64
CA LEU A 97 -5.65 -7.46 -19.00
C LEU A 97 -5.76 -8.78 -19.76
N PRO A 98 -6.72 -8.89 -20.68
CA PRO A 98 -6.78 -10.06 -21.55
C PRO A 98 -5.75 -9.96 -22.66
N HIS A 99 -5.57 -11.07 -23.38
CA HIS A 99 -4.55 -11.12 -24.42
C HIS A 99 -4.79 -10.08 -25.51
N GLU A 100 -6.06 -9.80 -25.83
CA GLU A 100 -6.37 -8.81 -26.86
C GLU A 100 -5.77 -7.46 -26.52
N THR A 101 -5.97 -7.00 -25.29
CA THR A 101 -5.46 -5.69 -24.90
C THR A 101 -3.95 -5.68 -24.79
N LEU A 102 -3.36 -6.79 -24.33
CA LEU A 102 -1.90 -6.90 -24.33
C LEU A 102 -1.35 -6.74 -25.74
N LEU A 103 -1.97 -7.42 -26.71
CA LEU A 103 -1.54 -7.31 -28.10
C LEU A 103 -1.67 -5.86 -28.59
N GLU A 104 -2.80 -5.23 -28.32
CA GLU A 104 -3.00 -3.86 -28.77
C GLU A 104 -1.94 -2.93 -28.17
N ILE A 105 -1.65 -3.11 -26.88
CA ILE A 105 -0.67 -2.24 -26.22
C ILE A 105 0.71 -2.43 -26.82
N GLU A 106 1.13 -3.70 -26.99
CA GLU A 106 2.45 -3.95 -27.55
C GLU A 106 2.55 -3.44 -28.99
N ASN A 107 1.46 -3.54 -29.76
CA ASN A 107 1.47 -3.06 -31.13
C ASN A 107 1.56 -1.55 -31.18
N ALA A 108 0.82 -0.86 -30.31
CA ALA A 108 0.92 0.60 -30.25
C ALA A 108 2.32 1.02 -29.81
N VAL A 109 2.95 0.24 -28.93
CA VAL A 109 4.32 0.56 -28.51
C VAL A 109 5.30 0.40 -29.68
N GLU A 110 5.21 -0.71 -30.39
CA GLU A 110 6.13 -0.97 -31.50
C GLU A 110 5.90 0.02 -32.63
N SER A 111 4.71 0.00 -33.23
CA SER A 111 4.38 0.87 -34.36
C SER A 111 4.36 2.35 -33.99
N GLY A 112 4.53 2.70 -32.72
CA GLY A 112 4.58 4.08 -32.25
C GLY A 112 3.24 4.79 -32.36
N ARG A 113 2.14 4.04 -32.45
CA ARG A 113 0.82 4.65 -32.47
C ARG A 113 0.46 5.18 -31.08
N ALA A 114 -0.74 5.74 -30.97
CA ALA A 114 -1.19 6.28 -29.70
C ALA A 114 -1.23 5.18 -28.64
N LEU A 115 -0.63 5.46 -27.48
CA LEU A 115 -0.59 4.48 -26.42
C LEU A 115 -1.94 4.36 -25.74
N LEU A 116 -2.43 3.13 -25.60
CA LEU A 116 -3.67 2.91 -24.87
C LEU A 116 -3.48 3.30 -23.41
N PRO A 117 -4.40 4.05 -22.82
CA PRO A 117 -4.25 4.43 -21.41
C PRO A 117 -4.61 3.27 -20.49
N ILE A 118 -3.85 3.16 -19.39
CA ILE A 118 -3.97 2.04 -18.47
C ILE A 118 -4.60 2.45 -17.16
N LEU A 119 -4.19 3.58 -16.60
CA LEU A 119 -4.65 4.00 -15.29
C LEU A 119 -4.96 5.49 -15.30
N GLN A 120 -6.02 5.87 -14.58
CA GLN A 120 -6.31 7.27 -14.26
C GLN A 120 -6.03 7.46 -12.78
N TRP A 121 -4.96 8.19 -12.46
CA TRP A 121 -4.56 8.36 -11.08
C TRP A 121 -5.38 9.46 -10.41
N HIS A 122 -5.61 9.28 -9.11
CA HIS A 122 -6.30 10.27 -8.27
C HIS A 122 -5.31 10.65 -7.17
N LYS A 123 -4.42 11.59 -7.47
CA LYS A 123 -3.30 11.90 -6.61
C LYS A 123 -3.34 13.35 -6.14
N HIS A 124 -3.13 13.54 -4.84
CA HIS A 124 -2.94 14.87 -4.28
C HIS A 124 -1.75 15.56 -4.97
N PRO A 125 -1.77 16.90 -5.06
CA PRO A 125 -0.61 17.58 -5.68
C PRO A 125 0.72 17.24 -5.03
N ASN A 126 0.73 16.95 -3.73
CA ASN A 126 1.98 16.60 -3.07
C ASN A 126 2.51 15.26 -3.55
N ASP A 127 1.62 14.31 -3.83
CA ASP A 127 2.05 13.04 -4.39
C ASP A 127 2.66 13.25 -5.78
N TYR A 128 3.67 12.45 -6.10
CA TYR A 128 4.44 12.65 -7.31
C TYR A 128 4.88 11.32 -7.90
N PHE A 129 5.25 11.37 -9.18
CA PHE A 129 5.93 10.28 -9.85
C PHE A 129 7.42 10.61 -9.97
N SER A 130 8.21 9.60 -10.29
CA SER A 130 9.65 9.77 -10.47
C SER A 130 9.91 10.15 -11.92
N LYS A 131 10.39 11.37 -12.14
CA LYS A 131 10.72 11.80 -13.49
C LYS A 131 11.93 11.05 -14.03
N GLU A 132 12.96 10.87 -13.20
CA GLU A 132 14.22 10.30 -13.68
C GLU A 132 14.09 8.81 -14.01
N ALA A 133 13.17 8.10 -13.36
CA ALA A 133 13.06 6.66 -13.51
C ALA A 133 11.92 6.24 -14.44
N SER A 134 11.21 7.19 -15.04
CA SER A 134 10.03 6.84 -15.84
C SER A 134 10.38 5.85 -16.94
N LYS A 135 11.49 6.09 -17.65
CA LYS A 135 11.84 5.22 -18.77
C LYS A 135 12.20 3.82 -18.29
N LEU A 136 12.98 3.72 -17.21
CA LEU A 136 13.35 2.42 -16.65
C LEU A 136 12.10 1.63 -16.25
N TYR A 137 11.20 2.28 -15.50
CA TYR A 137 9.98 1.61 -15.06
C TYR A 137 9.15 1.16 -16.25
N PHE A 138 9.00 2.04 -17.26
CA PHE A 138 8.23 1.67 -18.44
C PHE A 138 8.85 0.48 -19.15
N ASN A 139 10.18 0.45 -19.28
CA ASN A 139 10.83 -0.66 -19.95
C ASN A 139 10.59 -1.96 -19.20
N SER A 140 10.68 -1.92 -17.87
CA SER A 140 10.44 -3.15 -17.09
C SER A 140 9.01 -3.63 -17.24
N LEU A 141 8.04 -2.71 -17.16
CA LEU A 141 6.65 -3.10 -17.32
C LEU A 141 6.38 -3.64 -18.72
N ARG A 142 7.04 -3.07 -19.73
CA ARG A 142 6.88 -3.57 -21.09
C ARG A 142 7.43 -4.98 -21.22
N THR A 143 8.60 -5.23 -20.65
CA THR A 143 9.12 -6.60 -20.62
C THR A 143 8.11 -7.53 -19.97
N TYR A 144 7.50 -7.09 -18.87
CA TYR A 144 6.52 -7.93 -18.18
C TYR A 144 5.35 -8.28 -19.10
N TRP A 145 4.74 -7.28 -19.73
CA TRP A 145 3.56 -7.57 -20.54
C TRP A 145 3.93 -8.31 -21.82
N GLN A 146 5.15 -8.15 -22.32
CA GLN A 146 5.60 -8.97 -23.44
C GLN A 146 5.70 -10.44 -23.03
N GLU A 147 6.26 -10.70 -21.85
CA GLU A 147 6.29 -12.06 -21.34
C GLU A 147 4.88 -12.62 -21.16
N LEU A 148 3.96 -11.78 -20.67
CA LEU A 148 2.58 -12.22 -20.53
C LEU A 148 1.97 -12.57 -21.89
N ILE A 149 2.24 -11.75 -22.90
CA ILE A 149 1.79 -12.08 -24.26
C ILE A 149 2.32 -13.44 -24.67
N ASP A 150 3.64 -13.63 -24.58
CA ASP A 150 4.24 -14.86 -25.09
C ASP A 150 3.80 -16.08 -24.29
N LEU A 151 3.41 -15.90 -23.04
CA LEU A 151 2.96 -17.03 -22.22
C LEU A 151 1.52 -17.44 -22.52
N ASN A 152 0.80 -16.67 -23.31
CA ASN A 152 -0.59 -16.96 -23.61
C ASN A 152 -0.75 -18.35 -24.24
N ILE A 159 -9.47 -15.11 -15.98
CA ILE A 159 -8.76 -13.99 -15.36
C ILE A 159 -9.01 -14.00 -13.85
N ASP A 160 -8.20 -14.76 -13.13
CA ASP A 160 -8.28 -14.82 -11.68
C ASP A 160 -7.68 -13.56 -11.08
N VAL A 161 -8.48 -12.82 -10.32
CA VAL A 161 -8.03 -11.54 -9.77
C VAL A 161 -7.05 -11.76 -8.63
N LYS A 162 -7.33 -12.74 -7.77
CA LYS A 162 -6.43 -13.04 -6.65
C LYS A 162 -5.04 -13.39 -7.15
N GLU A 163 -4.96 -14.33 -8.10
CA GLU A 163 -3.67 -14.72 -8.65
C GLU A 163 -3.02 -13.57 -9.42
N ALA A 164 -3.82 -12.75 -10.10
CA ALA A 164 -3.27 -11.59 -10.77
C ALA A 164 -2.57 -10.66 -9.79
N LEU A 165 -3.23 -10.38 -8.66
CA LEU A 165 -2.63 -9.53 -7.63
C LEU A 165 -1.35 -10.15 -7.09
N ILE A 166 -1.40 -11.44 -6.75
CA ILE A 166 -0.22 -12.11 -6.21
C ILE A 166 0.94 -12.00 -7.19
N ASN A 167 0.69 -12.31 -8.46
CA ASN A 167 1.76 -12.29 -9.46
C ASN A 167 2.27 -10.89 -9.71
N ALA A 168 1.38 -9.88 -9.66
CA ALA A 168 1.83 -8.51 -9.83
C ALA A 168 2.78 -8.11 -8.71
N PHE A 169 2.41 -8.40 -7.46
CA PHE A 169 3.29 -8.12 -6.34
C PHE A 169 4.65 -8.79 -6.52
N LYS A 170 4.63 -10.10 -6.77
CA LYS A 170 5.87 -10.85 -6.88
C LYS A 170 6.75 -10.33 -8.01
N ARG A 171 6.12 -10.02 -9.16
CA ARG A 171 6.90 -9.56 -10.31
C ARG A 171 7.49 -8.19 -10.05
N LEU A 172 6.75 -7.29 -9.41
CA LEU A 172 7.33 -6.00 -9.09
C LEU A 172 8.54 -6.17 -8.17
N ASP A 173 8.43 -7.04 -7.16
CA ASP A 173 9.56 -7.22 -6.25
C ASP A 173 10.77 -7.81 -6.98
N ASN A 174 10.53 -8.81 -7.84
CA ASN A 174 11.63 -9.42 -8.57
C ASN A 174 12.27 -8.42 -9.53
N ASP A 175 11.45 -7.57 -10.16
CA ASP A 175 11.99 -6.55 -11.05
C ASP A 175 12.82 -5.54 -10.27
N ILE A 176 12.38 -5.19 -9.06
CA ILE A 176 13.17 -4.29 -8.22
C ILE A 176 14.53 -4.89 -7.94
N SER A 177 14.56 -6.18 -7.59
CA SER A 177 15.83 -6.86 -7.33
C SER A 177 16.72 -6.83 -8.57
N LEU A 178 16.17 -7.23 -9.73
CA LEU A 178 16.96 -7.29 -10.95
C LEU A 178 17.48 -5.91 -11.35
N GLU A 179 16.65 -4.88 -11.19
CA GLU A 179 17.06 -3.52 -11.56
C GLU A 179 18.16 -3.02 -10.65
N ALA A 180 18.08 -3.35 -9.35
CA ALA A 180 19.17 -2.99 -8.45
C ALA A 180 20.46 -3.67 -8.88
N GLN A 181 20.37 -4.92 -9.34
CA GLN A 181 21.58 -5.62 -9.79
C GLN A 181 22.12 -5.03 -11.09
N VAL A 182 21.23 -4.60 -11.99
CA VAL A 182 21.67 -4.17 -13.31
C VAL A 182 22.27 -2.76 -13.29
N GLY A 183 21.80 -1.91 -12.38
CA GLY A 183 22.30 -0.55 -12.36
C GLY A 183 21.85 0.23 -13.59
N ASP A 184 22.58 1.32 -13.85
CA ASP A 184 22.27 2.19 -14.99
C ASP A 184 23.47 3.05 -15.28
N PRO A 185 23.71 3.42 -16.54
CA PRO A 185 24.83 4.32 -16.83
C PRO A 185 24.73 5.66 -16.13
N ASN A 186 23.51 6.19 -15.96
CA ASN A 186 23.33 7.44 -15.24
C ASN A 186 23.53 7.21 -13.75
N SER A 187 24.42 8.00 -13.14
CA SER A 187 24.77 7.79 -11.74
C SER A 187 23.54 7.90 -10.85
N PHE A 188 22.66 8.86 -11.12
CA PHE A 188 21.50 9.05 -10.27
C PHE A 188 20.54 7.86 -10.37
N LEU A 189 20.25 7.41 -11.59
CA LEU A 189 19.42 6.23 -11.77
C LEU A 189 20.05 5.01 -11.10
N ASN A 190 21.38 4.86 -11.26
CA ASN A 190 22.07 3.71 -10.69
C ASN A 190 21.98 3.69 -9.18
N TYR A 191 22.13 4.85 -8.54
CA TYR A 191 21.97 4.91 -7.10
C TYR A 191 20.51 4.77 -6.69
N LEU A 192 19.58 5.20 -7.54
CA LEU A 192 18.16 5.14 -7.21
C LEU A 192 17.67 3.70 -7.15
N VAL A 193 18.06 2.87 -8.12
CA VAL A 193 17.62 1.47 -8.10
C VAL A 193 18.14 0.77 -6.85
N LEU A 194 19.37 1.10 -6.44
CA LEU A 194 19.92 0.51 -5.23
C LEU A 194 19.20 1.01 -3.99
N ARG A 195 18.91 2.31 -3.92
CA ARG A 195 18.15 2.84 -2.79
C ARG A 195 16.78 2.17 -2.69
N VAL A 196 16.17 1.90 -3.84
CA VAL A 196 14.86 1.26 -3.85
C VAL A 196 14.96 -0.17 -3.32
N ALA A 197 15.96 -0.92 -3.78
CA ALA A 197 16.08 -2.31 -3.36
C ALA A 197 16.53 -2.44 -1.90
N PHE A 198 17.31 -1.48 -1.41
CA PHE A 198 17.86 -1.58 -0.06
C PHE A 198 16.91 -1.09 1.02
N SER A 199 15.98 -0.20 0.69
CA SER A 199 14.91 0.16 1.60
C SER A 199 13.75 -0.82 1.42
N GLY A 200 12.73 -0.69 2.27
CA GLY A 200 11.60 -1.59 2.25
C GLY A 200 10.28 -0.84 2.34
N ALA A 201 9.21 -1.56 2.05
CA ALA A 201 7.88 -0.96 2.07
C ALA A 201 6.83 -2.06 2.19
N THR A 202 5.89 -1.85 3.10
CA THR A 202 4.66 -2.65 3.11
C THR A 202 3.76 -2.19 1.97
N ALA A 203 2.70 -2.95 1.73
CA ALA A 203 1.72 -2.60 0.70
C ALA A 203 0.41 -3.25 1.07
N CYS A 204 -0.60 -2.45 1.38
CA CYS A 204 -1.96 -2.95 1.57
C CYS A 204 -2.82 -2.29 0.51
N VAL A 205 -3.35 -3.11 -0.41
CA VAL A 205 -3.98 -2.65 -1.63
C VAL A 205 -5.38 -3.26 -1.73
N ALA A 206 -6.35 -2.43 -2.09
CA ALA A 206 -7.71 -2.87 -2.36
C ALA A 206 -8.01 -2.69 -3.84
N HIS A 207 -8.68 -3.69 -4.41
CA HIS A 207 -9.17 -3.65 -5.78
C HIS A 207 -10.68 -3.88 -5.72
N VAL A 208 -11.45 -2.89 -6.18
CA VAL A 208 -12.91 -2.93 -6.07
C VAL A 208 -13.48 -2.83 -7.49
N ASP A 209 -14.20 -3.88 -7.89
CA ASP A 209 -14.89 -3.92 -9.18
C ASP A 209 -16.36 -4.21 -8.87
N GLY A 210 -17.17 -3.17 -8.92
CA GLY A 210 -18.56 -3.29 -8.53
C GLY A 210 -18.70 -3.80 -7.10
N VAL A 211 -19.23 -5.01 -6.96
CA VAL A 211 -19.44 -5.60 -5.64
C VAL A 211 -18.30 -6.49 -5.19
N ASP A 212 -17.32 -6.76 -6.06
CA ASP A 212 -16.21 -7.63 -5.73
C ASP A 212 -15.07 -6.78 -5.15
N LEU A 213 -14.66 -7.09 -3.92
CA LEU A 213 -13.59 -6.36 -3.25
C LEU A 213 -12.50 -7.35 -2.87
N HIS A 214 -11.32 -7.18 -3.44
CA HIS A 214 -10.14 -7.94 -3.08
C HIS A 214 -9.20 -7.05 -2.29
N VAL A 215 -8.53 -7.63 -1.30
CA VAL A 215 -7.54 -6.92 -0.50
C VAL A 215 -6.27 -7.77 -0.49
N ALA A 216 -5.21 -7.27 -1.12
CA ALA A 216 -3.90 -7.91 -1.11
C ALA A 216 -3.03 -7.17 -0.10
N ASN A 217 -2.58 -7.88 0.92
CA ASN A 217 -1.82 -7.28 2.01
C ASN A 217 -0.44 -7.89 2.11
N THR A 218 0.56 -7.03 2.30
CA THR A 218 1.97 -7.42 2.42
C THR A 218 2.55 -6.53 3.52
N GLY A 219 2.59 -7.05 4.75
CA GLY A 219 3.18 -6.33 5.87
C GLY A 219 2.16 -6.09 6.97
N ASP A 220 2.38 -5.00 7.71
CA ASP A 220 1.59 -4.70 8.89
C ASP A 220 0.73 -3.45 8.74
N SER A 221 0.58 -2.92 7.53
CA SER A 221 -0.55 -2.05 7.25
C SER A 221 -1.81 -2.90 7.17
N ARG A 222 -2.96 -2.25 7.29
CA ARG A 222 -4.20 -2.99 7.49
C ARG A 222 -5.38 -2.34 6.78
N ALA A 223 -6.27 -3.19 6.28
CA ALA A 223 -7.53 -2.78 5.68
C ALA A 223 -8.68 -3.30 6.53
N MET A 224 -9.67 -2.44 6.78
CA MET A 224 -10.78 -2.80 7.66
C MET A 224 -12.08 -2.29 7.09
N LEU A 225 -13.09 -3.15 7.08
CA LEU A 225 -14.41 -2.82 6.57
C LEU A 225 -15.30 -2.34 7.71
N GLY A 226 -16.01 -1.24 7.47
CA GLY A 226 -16.99 -0.74 8.41
C GLY A 226 -18.38 -1.22 8.03
N VAL A 227 -18.99 -1.97 8.95
CA VAL A 227 -20.30 -2.57 8.73
C VAL A 227 -21.28 -1.99 9.75
N GLN A 228 -22.40 -1.48 9.27
CA GLN A 228 -23.44 -0.97 10.16
C GLN A 228 -24.45 -2.08 10.43
N GLU A 229 -24.66 -2.40 11.70
CA GLU A 229 -25.58 -3.46 12.08
C GLU A 229 -27.03 -2.97 11.98
N GLU A 230 -27.96 -3.91 12.16
CA GLU A 230 -29.37 -3.60 11.98
C GLU A 230 -29.85 -2.53 12.97
N ASP A 231 -29.23 -2.46 14.14
CA ASP A 231 -29.60 -1.45 15.13
C ASP A 231 -28.92 -0.11 14.91
N GLY A 232 -28.06 0.00 13.89
CA GLY A 232 -27.34 1.22 13.63
C GLY A 232 -25.95 1.27 14.24
N SER A 233 -25.58 0.29 15.06
CA SER A 233 -24.24 0.25 15.62
C SER A 233 -23.22 -0.16 14.56
N TRP A 234 -21.95 0.09 14.87
CA TRP A 234 -20.87 -0.11 13.92
C TRP A 234 -20.00 -1.28 14.35
N SER A 235 -19.46 -1.99 13.36
CA SER A 235 -18.65 -3.17 13.58
C SER A 235 -17.50 -3.17 12.59
N ALA A 236 -16.34 -3.61 13.05
CA ALA A 236 -15.14 -3.69 12.23
C ALA A 236 -14.96 -5.13 11.75
N VAL A 237 -14.77 -5.29 10.44
CA VAL A 237 -14.52 -6.59 9.83
C VAL A 237 -13.14 -6.55 9.20
N THR A 238 -12.25 -7.40 9.66
CA THR A 238 -10.88 -7.40 9.16
C THR A 238 -10.84 -8.01 7.77
N LEU A 239 -10.12 -7.34 6.86
CA LEU A 239 -9.89 -7.87 5.51
C LEU A 239 -8.41 -8.12 5.24
N SER A 240 -7.54 -7.94 6.24
CA SER A 240 -6.13 -8.26 6.10
C SER A 240 -5.58 -8.65 7.47
N ASN A 241 -4.62 -9.57 7.47
CA ASN A 241 -3.94 -10.01 8.68
C ASN A 241 -2.57 -9.34 8.75
N ASP A 242 -2.33 -8.59 9.83
CA ASP A 242 -1.03 -7.98 10.03
C ASP A 242 0.04 -9.05 10.02
N HIS A 243 1.03 -8.89 9.13
CA HIS A 243 2.13 -9.85 9.03
C HIS A 243 3.24 -9.39 9.98
N ASN A 244 3.14 -9.82 11.23
CA ASN A 244 4.12 -9.48 12.25
C ASN A 244 4.11 -10.56 13.33
N ALA A 245 4.79 -10.29 14.45
CA ALA A 245 5.00 -11.31 15.46
C ALA A 245 3.72 -11.76 16.14
N GLN A 246 2.70 -10.90 16.16
CA GLN A 246 1.42 -11.27 16.77
C GLN A 246 0.60 -12.22 15.91
N ASN A 247 1.06 -12.52 14.69
CA ASN A 247 0.34 -13.39 13.76
C ASN A 247 0.91 -14.79 13.87
N GLU A 248 0.12 -15.71 14.45
CA GLU A 248 0.59 -17.06 14.69
C GLU A 248 0.88 -17.80 13.39
N ARG A 249 -0.07 -17.75 12.45
CA ARG A 249 0.11 -18.44 11.18
C ARG A 249 1.35 -17.94 10.45
N GLU A 250 1.64 -16.64 10.56
CA GLU A 250 2.82 -16.10 9.88
C GLU A 250 4.10 -16.60 10.53
N VAL A 251 4.15 -16.65 11.86
CA VAL A 251 5.33 -17.18 12.53
C VAL A 251 5.55 -18.63 12.13
N GLU A 252 4.48 -19.42 12.07
CA GLU A 252 4.65 -20.83 11.69
C GLU A 252 5.08 -20.96 10.23
N ARG A 253 4.51 -20.12 9.35
CA ARG A 253 4.94 -20.12 7.95
C ARG A 253 6.44 -19.86 7.86
N LEU A 254 6.93 -18.85 8.58
CA LEU A 254 8.36 -18.56 8.58
C LEU A 254 9.14 -19.74 9.14
N LYS A 255 8.61 -20.40 10.16
CA LYS A 255 9.30 -21.54 10.76
C LYS A 255 9.52 -22.66 9.75
N LEU A 256 8.44 -23.14 9.14
CA LEU A 256 8.54 -24.30 8.27
C LEU A 256 9.06 -23.97 6.87
N GLU A 257 9.33 -22.71 6.57
CA GLU A 257 10.00 -22.35 5.33
C GLU A 257 11.50 -22.57 5.39
N HIS A 258 12.03 -22.99 6.53
CA HIS A 258 13.46 -23.22 6.72
C HIS A 258 13.64 -24.47 7.57
N PRO A 259 14.84 -25.03 7.60
CA PRO A 259 15.05 -26.30 8.30
C PRO A 259 14.70 -26.21 9.78
N LYS A 260 14.67 -27.38 10.42
CA LYS A 260 14.27 -27.47 11.82
C LYS A 260 15.25 -26.74 12.74
N ASN A 261 16.52 -26.63 12.33
CA ASN A 261 17.51 -25.99 13.16
C ASN A 261 17.26 -24.49 13.31
N GLU A 262 16.45 -23.90 12.45
CA GLU A 262 16.20 -22.46 12.44
C GLU A 262 14.89 -22.07 13.13
N ALA A 263 14.14 -23.04 13.66
CA ALA A 263 12.85 -22.72 14.25
C ALA A 263 12.98 -21.70 15.37
N LYS A 264 14.15 -21.61 16.00
CA LYS A 264 14.35 -20.71 17.13
C LYS A 264 14.92 -19.36 16.72
N SER A 265 15.43 -19.22 15.51
CA SER A 265 16.10 -18.00 15.08
C SER A 265 15.36 -17.23 13.99
N VAL A 266 14.46 -17.88 13.25
CA VAL A 266 13.75 -17.18 12.19
C VAL A 266 13.04 -15.94 12.74
N VAL A 267 12.44 -16.06 13.92
CA VAL A 267 11.80 -14.95 14.60
C VAL A 267 12.40 -14.87 16.01
N LYS A 268 13.01 -13.74 16.33
CA LYS A 268 13.59 -13.50 17.64
C LYS A 268 13.25 -12.08 18.07
N GLN A 269 12.86 -11.94 19.34
CA GLN A 269 12.44 -10.65 19.87
C GLN A 269 11.33 -10.05 19.01
N ASP A 270 10.45 -10.92 18.51
CA ASP A 270 9.28 -10.51 17.72
C ASP A 270 9.70 -9.84 16.41
N ARG A 271 10.84 -10.25 15.86
CA ARG A 271 11.36 -9.65 14.63
C ARG A 271 11.95 -10.73 13.75
N LEU A 272 11.81 -10.54 12.44
CA LEU A 272 12.42 -11.46 11.48
C LEU A 272 13.93 -11.41 11.64
N LEU A 273 14.52 -12.55 12.00
CA LEU A 273 15.95 -12.65 12.26
C LEU A 273 16.39 -11.60 13.28
N GLY A 274 15.49 -11.23 14.18
CA GLY A 274 15.79 -10.25 15.21
C GLY A 274 15.86 -8.82 14.74
N LEU A 275 15.47 -8.54 13.50
CA LEU A 275 15.62 -7.21 12.92
C LEU A 275 14.30 -6.62 12.44
N LEU A 276 13.65 -7.25 11.46
CA LEU A 276 12.54 -6.62 10.75
C LEU A 276 11.22 -6.84 11.49
N MET A 277 10.47 -5.75 11.66
CA MET A 277 9.17 -5.80 12.32
C MET A 277 8.11 -6.37 11.39
N PRO A 278 7.94 -5.84 10.18
CA PRO A 278 7.03 -6.47 9.22
C PRO A 278 7.65 -7.75 8.66
N PHE A 279 6.83 -8.80 8.56
CA PHE A 279 7.28 -10.09 8.09
C PHE A 279 7.08 -10.27 6.58
N ARG A 280 6.51 -9.30 5.90
CA ARG A 280 6.43 -9.27 4.45
C ARG A 280 6.61 -7.83 4.00
N ALA A 281 7.35 -7.63 2.92
CA ALA A 281 7.62 -6.28 2.44
C ALA A 281 8.33 -6.34 1.10
N PHE A 282 8.20 -5.25 0.34
CA PHE A 282 8.97 -5.05 -0.87
C PHE A 282 10.38 -4.58 -0.52
N GLY A 283 11.30 -4.81 -1.45
CA GLY A 283 12.68 -4.39 -1.21
C GLY A 283 13.33 -5.22 -0.12
N ASP A 284 14.07 -4.55 0.76
CA ASP A 284 14.74 -5.22 1.87
C ASP A 284 15.53 -6.43 1.41
N VAL A 285 16.25 -6.28 0.30
CA VAL A 285 17.00 -7.40 -0.28
C VAL A 285 18.05 -7.94 0.69
N LYS A 286 18.36 -7.21 1.76
CA LYS A 286 19.23 -7.75 2.80
C LYS A 286 18.67 -9.05 3.36
N PHE A 287 17.35 -9.21 3.35
CA PHE A 287 16.69 -10.40 3.86
C PHE A 287 16.28 -11.37 2.76
N LYS A 288 16.65 -11.09 1.51
CA LYS A 288 16.29 -11.92 0.38
C LYS A 288 17.48 -12.41 -0.42
N TRP A 289 18.45 -11.54 -0.70
CA TRP A 289 19.58 -11.93 -1.51
C TRP A 289 20.50 -12.88 -0.76
N SER A 290 21.30 -13.62 -1.52
CA SER A 290 22.35 -14.45 -0.94
C SER A 290 23.48 -13.56 -0.46
N ILE A 291 24.20 -14.04 0.56
CA ILE A 291 25.32 -13.27 1.11
C ILE A 291 26.29 -12.89 -0.01
N ASP A 292 26.54 -13.81 -0.93
CA ASP A 292 27.48 -13.54 -2.01
C ASP A 292 26.97 -12.45 -2.93
N LEU A 293 25.68 -12.50 -3.29
CA LEU A 293 25.11 -11.45 -4.15
C LEU A 293 25.15 -10.10 -3.46
N GLN A 294 24.85 -10.06 -2.17
CA GLN A 294 24.93 -8.81 -1.41
C GLN A 294 26.35 -8.26 -1.44
N LYS A 295 27.34 -9.12 -1.16
CA LYS A 295 28.72 -8.68 -1.17
C LYS A 295 29.13 -8.15 -2.54
N ARG A 296 28.76 -8.87 -3.61
CA ARG A 296 29.16 -8.45 -4.95
C ARG A 296 28.50 -7.13 -5.33
N VAL A 297 27.24 -6.93 -4.95
CA VAL A 297 26.55 -5.70 -5.32
C VAL A 297 27.10 -4.52 -4.52
N ILE A 298 27.36 -4.72 -3.22
CA ILE A 298 27.89 -3.63 -2.40
C ILE A 298 29.24 -3.17 -2.93
N GLU A 299 30.11 -4.12 -3.28
CA GLU A 299 31.44 -3.79 -3.76
C GLU A 299 31.47 -3.43 -5.24
N SER A 300 30.33 -3.47 -5.93
CA SER A 300 30.32 -3.28 -7.38
C SER A 300 30.36 -1.81 -7.78
N GLY A 301 29.78 -0.92 -6.97
CA GLY A 301 29.72 0.48 -7.32
C GLY A 301 29.60 1.39 -6.12
N PRO A 302 28.59 2.30 -6.14
CA PRO A 302 28.45 3.36 -5.13
C PRO A 302 28.92 2.99 -3.73
N LYS A 312 25.33 -3.76 4.12
CA LYS A 312 26.67 -4.06 4.59
C LYS A 312 26.63 -5.05 5.75
N PHE A 313 25.53 -5.02 6.51
CA PHE A 313 25.32 -5.92 7.63
C PHE A 313 24.50 -7.11 7.16
N ILE A 314 25.04 -8.30 7.33
CA ILE A 314 24.32 -9.54 7.02
C ILE A 314 23.50 -9.92 8.24
N PRO A 315 22.19 -10.13 8.12
CA PRO A 315 21.38 -10.47 9.30
C PRO A 315 21.94 -11.69 10.00
N PRO A 316 21.66 -11.84 11.30
CA PRO A 316 22.11 -13.04 12.01
C PRO A 316 21.32 -14.27 11.59
N ASN A 317 21.98 -15.43 11.69
CA ASN A 317 21.36 -16.71 11.35
C ASN A 317 20.84 -16.71 9.91
N TYR A 318 21.62 -16.09 9.02
CA TYR A 318 21.24 -15.97 7.61
C TYR A 318 21.75 -17.18 6.84
N TYR A 319 21.13 -18.33 7.14
CA TYR A 319 21.60 -19.61 6.64
C TYR A 319 20.91 -20.03 5.34
N THR A 320 19.58 -20.03 5.32
CA THR A 320 18.79 -20.52 4.19
C THR A 320 17.89 -19.42 3.62
N PRO A 321 18.48 -18.35 3.09
CA PRO A 321 17.67 -17.28 2.48
C PRO A 321 17.01 -17.78 1.21
N PRO A 322 15.99 -17.07 0.72
CA PRO A 322 15.45 -15.83 1.29
C PRO A 322 14.56 -16.05 2.50
N TYR A 323 14.46 -15.04 3.36
CA TYR A 323 13.58 -15.09 4.52
C TYR A 323 12.36 -14.19 4.39
N LEU A 324 12.43 -13.14 3.55
CA LEU A 324 11.38 -12.16 3.42
C LEU A 324 10.77 -12.23 2.03
N THR A 325 9.46 -12.04 1.95
CA THR A 325 8.75 -12.07 0.68
C THR A 325 7.79 -10.89 0.60
N ALA A 326 7.59 -10.40 -0.62
CA ALA A 326 6.58 -9.39 -0.90
C ALA A 326 5.24 -10.02 -1.26
N GLU A 327 5.16 -11.34 -1.36
CA GLU A 327 3.94 -11.99 -1.79
C GLU A 327 2.81 -11.67 -0.81
N PRO A 328 1.67 -11.18 -1.29
CA PRO A 328 0.59 -10.77 -0.38
C PRO A 328 -0.39 -11.90 -0.07
N GLU A 329 -1.04 -11.74 1.07
CA GLU A 329 -2.23 -12.51 1.42
C GLU A 329 -3.44 -11.80 0.83
N VAL A 330 -4.29 -12.53 0.11
CA VAL A 330 -5.41 -11.95 -0.62
C VAL A 330 -6.70 -12.42 0.02
N THR A 331 -7.54 -11.45 0.43
CA THR A 331 -8.87 -11.69 0.94
C THR A 331 -9.90 -11.22 -0.07
N TYR A 332 -11.02 -11.93 -0.15
CA TYR A 332 -12.13 -11.56 -1.03
C TYR A 332 -13.37 -11.31 -0.20
N HIS A 333 -14.16 -10.31 -0.62
CA HIS A 333 -15.39 -9.94 0.05
C HIS A 333 -16.38 -9.45 -0.99
N ARG A 334 -17.59 -10.00 -0.95
CA ARG A 334 -18.69 -9.50 -1.78
C ARG A 334 -19.41 -8.42 -0.98
N LEU A 335 -19.32 -7.18 -1.44
CA LEU A 335 -19.90 -6.06 -0.71
C LEU A 335 -21.40 -6.26 -0.55
N ARG A 336 -21.92 -5.85 0.59
CA ARG A 336 -23.35 -5.95 0.91
C ARG A 336 -23.89 -4.58 1.27
N PRO A 337 -25.21 -4.40 1.29
CA PRO A 337 -25.76 -3.07 1.63
C PRO A 337 -25.28 -2.54 2.97
N GLN A 338 -24.93 -3.42 3.92
CA GLN A 338 -24.50 -2.98 5.24
C GLN A 338 -23.03 -2.61 5.29
N ASP A 339 -22.26 -2.86 4.22
CA ASP A 339 -20.84 -2.54 4.18
C ASP A 339 -20.69 -1.10 3.69
N LYS A 340 -20.51 -0.17 4.63
CA LYS A 340 -20.59 1.25 4.30
C LYS A 340 -19.26 1.82 3.83
N PHE A 341 -18.14 1.36 4.38
CA PHE A 341 -16.85 1.94 4.01
C PHE A 341 -15.73 0.96 4.31
N LEU A 342 -14.55 1.32 3.81
CA LEU A 342 -13.32 0.56 3.99
C LEU A 342 -12.20 1.53 4.37
N VAL A 343 -11.46 1.18 5.41
CA VAL A 343 -10.34 1.99 5.88
C VAL A 343 -9.05 1.25 5.56
N LEU A 344 -8.23 1.83 4.69
CA LEU A 344 -6.84 1.42 4.52
C LEU A 344 -5.97 2.37 5.32
N ALA A 345 -5.02 1.82 6.06
CA ALA A 345 -4.16 2.70 6.85
C ALA A 345 -2.89 1.96 7.23
N THR A 346 -1.80 2.72 7.36
CA THR A 346 -0.57 2.19 7.91
C THR A 346 -0.73 2.03 9.42
N ASP A 347 0.21 1.30 10.03
CA ASP A 347 0.13 1.05 11.46
C ASP A 347 0.22 2.34 12.28
N GLY A 348 0.57 3.47 11.66
CA GLY A 348 0.56 4.72 12.38
C GLY A 348 -0.80 5.08 12.94
N LEU A 349 -1.86 4.57 12.32
CA LEU A 349 -3.21 4.72 12.86
C LEU A 349 -3.57 3.57 13.79
N TRP A 350 -3.38 2.32 13.32
CA TRP A 350 -3.88 1.17 14.06
C TRP A 350 -3.20 1.03 15.42
N GLU A 351 -1.95 1.47 15.54
CA GLU A 351 -1.30 1.47 16.85
C GLU A 351 -1.93 2.46 17.81
N THR A 352 -2.62 3.47 17.29
CA THR A 352 -3.13 4.56 18.12
C THR A 352 -4.53 4.29 18.66
N MET A 353 -5.37 3.59 17.91
CA MET A 353 -6.76 3.40 18.30
C MET A 353 -7.20 1.97 18.01
N HIS A 354 -8.18 1.51 18.78
CA HIS A 354 -8.77 0.20 18.56
C HIS A 354 -9.58 0.22 17.25
N ARG A 355 -9.72 -0.97 16.65
CA ARG A 355 -10.47 -1.09 15.41
C ARG A 355 -11.87 -0.52 15.55
N GLN A 356 -12.59 -0.94 16.59
CA GLN A 356 -13.96 -0.50 16.79
C GLN A 356 -14.04 1.02 16.88
N ASP A 357 -13.10 1.65 17.58
CA ASP A 357 -13.10 3.10 17.65
C ASP A 357 -12.92 3.73 16.28
N VAL A 358 -12.01 3.17 15.47
CA VAL A 358 -11.79 3.70 14.13
C VAL A 358 -13.08 3.65 13.32
N VAL A 359 -13.72 2.47 13.27
CA VAL A 359 -14.88 2.35 12.41
C VAL A 359 -16.06 3.13 12.98
N ARG A 360 -16.20 3.21 14.30
CA ARG A 360 -17.27 4.02 14.87
C ARG A 360 -17.09 5.49 14.52
N ILE A 361 -15.86 6.00 14.67
CA ILE A 361 -15.59 7.39 14.33
C ILE A 361 -15.92 7.65 12.87
N VAL A 362 -15.41 6.79 11.98
CA VAL A 362 -15.62 7.02 10.55
C VAL A 362 -17.10 6.93 10.20
N GLY A 363 -17.81 5.96 10.77
CA GLY A 363 -19.22 5.79 10.43
C GLY A 363 -20.06 6.94 10.94
N GLU A 364 -19.85 7.35 12.19
CA GLU A 364 -20.56 8.51 12.72
C GLU A 364 -20.26 9.75 11.89
N TYR A 365 -19.02 9.91 11.44
CA TYR A 365 -18.68 11.04 10.59
C TYR A 365 -19.47 10.99 9.28
N LEU A 366 -19.44 9.85 8.59
CA LEU A 366 -20.08 9.76 7.30
C LEU A 366 -21.61 9.82 7.40
N THR A 367 -22.17 9.50 8.57
CA THR A 367 -23.60 9.59 8.79
C THR A 367 -24.02 10.92 9.41
N GLY A 368 -23.10 11.89 9.49
CA GLY A 368 -23.44 13.17 10.08
C GLY A 368 -23.85 13.10 11.53
N MET A 369 -23.34 12.12 12.27
CA MET A 369 -23.69 11.95 13.67
C MET A 369 -22.80 12.80 14.57
N ASP A 404 -14.63 19.48 10.09
CA ASP A 404 -13.92 18.45 9.35
C ASP A 404 -14.73 18.01 8.13
N GLN A 405 -14.18 18.25 6.95
CA GLN A 405 -14.81 17.86 5.69
C GLN A 405 -14.09 16.67 5.05
N ASN A 406 -13.42 15.85 5.87
CA ASN A 406 -12.65 14.72 5.37
C ASN A 406 -12.55 13.67 6.47
N ALA A 407 -13.03 12.46 6.19
CA ALA A 407 -13.04 11.42 7.20
C ALA A 407 -11.62 11.07 7.65
N ALA A 408 -10.69 10.99 6.71
CA ALA A 408 -9.31 10.66 7.07
C ALA A 408 -8.70 11.76 7.93
N THR A 409 -8.97 13.02 7.61
CA THR A 409 -8.48 14.12 8.43
C THR A 409 -9.03 14.03 9.84
N HIS A 410 -10.32 13.69 9.97
CA HIS A 410 -10.91 13.54 11.30
C HIS A 410 -10.26 12.39 12.06
N LEU A 411 -10.01 11.28 11.37
CA LEU A 411 -9.32 10.17 12.01
C LEU A 411 -7.94 10.59 12.51
N ILE A 412 -7.21 11.37 11.71
CA ILE A 412 -5.90 11.84 12.13
C ILE A 412 -6.04 12.75 13.35
N ARG A 413 -6.99 13.69 13.30
CA ARG A 413 -7.23 14.58 14.43
C ARG A 413 -7.46 13.78 15.71
N HIS A 414 -8.21 12.68 15.61
CA HIS A 414 -8.43 11.84 16.77
C HIS A 414 -7.15 11.12 17.18
N ALA A 415 -6.44 10.54 16.21
CA ALA A 415 -5.26 9.74 16.53
C ALA A 415 -4.20 10.56 17.24
N VAL A 416 -3.96 11.79 16.78
CA VAL A 416 -2.91 12.62 17.37
C VAL A 416 -3.41 13.29 18.65
N GLY A 417 -4.57 13.95 18.57
CA GLY A 417 -5.13 14.62 19.73
C GLY A 417 -6.19 13.79 20.42
N ASN A 418 -5.77 12.78 21.17
CA ASN A 418 -6.69 11.86 21.83
C ASN A 418 -6.31 11.72 23.30
N ASN A 419 -7.33 11.80 24.16
CA ASN A 419 -7.23 11.39 25.57
C ASN A 419 -8.60 10.82 25.91
N GLU A 420 -8.82 9.56 25.52
CA GLU A 420 -10.10 8.79 25.66
C GLU A 420 -11.15 9.44 24.73
N PHE A 421 -10.76 9.65 23.47
CA PHE A 421 -11.56 10.13 22.30
C PHE A 421 -11.98 11.61 22.36
N GLY A 422 -11.15 12.50 22.90
CA GLY A 422 -11.41 13.95 22.92
C GLY A 422 -10.62 14.65 21.84
N ALA A 423 -11.20 14.86 20.65
CA ALA A 423 -10.50 15.43 19.50
C ALA A 423 -9.94 16.81 19.80
N GLU A 427 -6.62 20.94 22.32
CA GLU A 427 -6.02 20.29 23.49
C GLU A 427 -4.53 20.04 23.22
N ARG A 428 -4.12 18.78 23.28
CA ARG A 428 -2.74 18.40 22.97
C ARG A 428 -2.47 18.31 21.48
N LEU A 429 -3.48 18.55 20.64
CA LEU A 429 -3.26 18.55 19.20
C LEU A 429 -2.26 19.63 18.80
N SER A 430 -2.41 20.84 19.36
CA SER A 430 -1.46 21.90 19.09
C SER A 430 -0.07 21.52 19.56
N LYS A 431 0.04 20.93 20.76
CA LYS A 431 1.33 20.52 21.28
C LYS A 431 1.97 19.45 20.39
N MET A 432 1.18 18.46 19.98
CA MET A 432 1.74 17.35 19.20
C MET A 432 2.14 17.82 17.81
N LEU A 433 1.32 18.65 17.17
CA LEU A 433 1.63 19.16 15.84
C LEU A 433 2.68 20.27 15.88
N SER A 434 3.00 20.80 17.07
CA SER A 434 4.02 21.82 17.21
C SER A 434 5.43 21.25 17.24
N LEU A 435 5.58 19.94 17.41
CA LEU A 435 6.90 19.37 17.63
C LEU A 435 7.68 19.28 16.32
N PRO A 436 9.00 19.49 16.36
CA PRO A 436 9.80 19.40 15.12
C PRO A 436 9.99 17.97 14.66
N GLU A 437 10.86 17.78 13.67
CA GLU A 437 11.04 16.44 13.10
C GLU A 437 11.61 15.46 14.11
N GLU A 438 12.56 15.90 14.93
CA GLU A 438 13.28 14.98 15.80
C GLU A 438 12.39 14.41 16.89
N LEU A 439 11.53 15.25 17.49
CA LEU A 439 10.71 14.81 18.60
C LEU A 439 9.35 14.26 18.16
N ALA A 440 8.91 14.57 16.94
CA ALA A 440 7.63 14.06 16.48
C ALA A 440 7.62 12.53 16.46
N ARG A 441 8.70 11.92 15.99
CA ARG A 441 8.76 10.47 15.91
C ARG A 441 8.87 9.81 17.28
N MET A 442 9.06 10.58 18.35
CA MET A 442 9.07 10.02 19.69
C MET A 442 7.66 9.79 20.22
N TYR A 443 6.66 10.49 19.68
CA TYR A 443 5.28 10.38 20.14
C TYR A 443 4.36 9.71 19.14
N ARG A 444 4.72 9.67 17.86
CA ARG A 444 3.84 9.11 16.86
C ARG A 444 4.66 8.60 15.67
N ASP A 445 3.99 7.83 14.82
CA ASP A 445 4.53 7.29 13.58
C ASP A 445 3.89 8.03 12.41
N ASP A 446 4.47 7.85 11.22
CA ASP A 446 3.82 8.31 10.00
C ASP A 446 2.40 7.74 9.96
N ILE A 447 1.42 8.61 9.67
CA ILE A 447 0.02 8.23 9.63
C ILE A 447 -0.51 8.48 8.23
N THR A 448 -1.08 7.45 7.62
CA THR A 448 -1.63 7.52 6.27
C THR A 448 -2.95 6.76 6.25
N ILE A 449 -3.99 7.39 5.71
CA ILE A 449 -5.34 6.84 5.78
C ILE A 449 -6.05 7.08 4.46
N ILE A 450 -6.77 6.07 4.00
CA ILE A 450 -7.69 6.16 2.87
C ILE A 450 -9.03 5.60 3.36
N VAL A 451 -10.08 6.42 3.28
CA VAL A 451 -11.43 5.99 3.63
C VAL A 451 -12.24 5.96 2.36
N VAL A 452 -12.65 4.75 1.93
CA VAL A 452 -13.48 4.55 0.76
C VAL A 452 -14.91 4.37 1.23
N GLN A 453 -15.83 5.14 0.66
CA GLN A 453 -17.25 5.05 0.98
C GLN A 453 -17.97 4.37 -0.17
N PHE A 454 -18.71 3.31 0.14
CA PHE A 454 -19.44 2.57 -0.89
C PHE A 454 -20.85 3.15 -1.05
N ASN A 455 -21.43 2.89 -2.22
CA ASN A 455 -22.79 3.32 -2.55
C ASN A 455 -23.72 2.14 -2.26
N SER A 456 -24.37 2.18 -1.10
CA SER A 456 -25.16 1.04 -0.66
C SER A 456 -26.34 0.78 -1.60
N HIS A 457 -26.89 1.82 -2.23
CA HIS A 457 -27.97 1.61 -3.19
C HIS A 457 -27.50 0.81 -4.39
N VAL A 458 -26.35 1.19 -4.97
CA VAL A 458 -25.81 0.44 -6.10
C VAL A 458 -25.42 -0.97 -5.67
N VAL A 459 -24.84 -1.11 -4.47
CA VAL A 459 -24.43 -2.43 -4.00
C VAL A 459 -25.65 -3.34 -3.85
N GLY A 460 -26.74 -2.81 -3.30
CA GLY A 460 -27.96 -3.58 -3.18
C GLY A 460 -28.61 -3.88 -4.52
N ALA A 461 -28.42 -3.00 -5.50
CA ALA A 461 -28.93 -3.27 -6.84
C ALA A 461 -28.40 -4.59 -7.38
N TYR A 462 -27.22 -5.02 -6.92
CA TYR A 462 -26.67 -6.29 -7.38
C TYR A 462 -27.48 -7.47 -6.86
N GLN A 463 -27.87 -7.44 -5.59
CA GLN A 463 -28.66 -8.51 -4.99
C GLN A 463 -27.84 -9.79 -4.88
MN MN B . 7.56 3.37 8.08
MN MN C . 4.55 2.66 10.35
S SO4 D . 25.93 -17.02 -0.46
O1 SO4 D . 24.73 -16.73 0.32
O2 SO4 D . 26.44 -18.33 -0.05
O3 SO4 D . 26.93 -16.00 -0.21
O4 SO4 D . 25.60 -17.06 -1.88
S SO4 E . 30.55 -15.98 1.02
O1 SO4 E . 31.68 -16.84 0.70
O2 SO4 E . 30.03 -16.34 2.34
O3 SO4 E . 31.01 -14.59 1.05
O4 SO4 E . 29.50 -16.13 0.02
MN MN F . -14.44 13.35 16.60
MN MN G . 23.52 -16.99 1.41
MN MN H . 29.63 -16.96 3.85
#